data_3WL8
#
_entry.id   3WL8
#
_cell.length_a   58.392
_cell.length_b   65.295
_cell.length_c   83.972
_cell.angle_alpha   90.00
_cell.angle_beta   90.00
_cell.angle_gamma   90.00
#
_symmetry.space_group_name_H-M   'P 21 21 21'
#
loop_
_entity.id
_entity.type
_entity.pdbx_description
1 polymer 'Oxidized polyvinyl alcohol hydrolase'
2 non-polymer 'CITRIC ACID'
3 non-polymer 'OCTANOIC ACID (CAPRYLIC ACID)'
4 water water
#
_entity_poly.entity_id   1
_entity_poly.type   'polypeptide(L)'
_entity_poly.pdbx_seq_one_letter_code
;AGAGADRTAATPAAANPAATEPVKWECPAGYEVKEGLNVDFPHKGMKRAFIVYPAKNVSGPAPVWVPMTGSVESTNDNLT
VARSGANSILADHGYTVIAPVRACANQDPNIRGERCNGPGSNGWNWNPWFEGRAADPSGEHWKNDEGPDSSFFVAMVQCV
GTKYKLDARRLFLGGIASGGTMTNRALLFRSNFWAGGLPISGEWYVTSDDGTPLSFDDARAAVAAAPTKIHQGRVGPYPL
PAKVGPLIVMTVWGGEKDLWNCTRPDGSRFLCADYRPSTQAGSNFFSAQPDVVHVACSSTHGHMWPQLNTQEFNRWALDT
LASHPKGSDPRSFKLTQPPEGYTCHVGPFTGLYASAWSHPQFEK
;
_entity_poly.pdbx_strand_id   A
#
loop_
_chem_comp.id
_chem_comp.type
_chem_comp.name
_chem_comp.formula
CIT non-polymer 'CITRIC ACID' 'C6 H8 O7'
OCA non-polymer 'OCTANOIC ACID (CAPRYLIC ACID)' 'C8 H16 O2'
#
# COMPACT_ATOMS: atom_id res chain seq x y z
N VAL A 23 -11.82 -0.13 -17.36
CA VAL A 23 -12.51 -0.36 -16.05
C VAL A 23 -14.01 -0.57 -16.23
N LYS A 24 -14.56 -1.65 -15.68
CA LYS A 24 -15.99 -1.91 -15.80
C LYS A 24 -16.69 -1.87 -14.44
N TRP A 25 -17.82 -1.18 -14.36
CA TRP A 25 -18.55 -1.07 -13.10
C TRP A 25 -19.55 -2.22 -13.02
N GLU A 26 -19.39 -3.05 -11.99
CA GLU A 26 -20.26 -4.22 -11.84
C GLU A 26 -20.14 -4.70 -10.41
N CYS A 27 -21.23 -5.21 -9.86
CA CYS A 27 -21.25 -5.80 -8.51
C CYS A 27 -21.69 -7.23 -8.62
N PRO A 28 -21.40 -8.04 -7.57
CA PRO A 28 -21.83 -9.44 -7.53
C PRO A 28 -23.34 -9.30 -7.58
N ALA A 29 -24.02 -10.20 -8.28
CA ALA A 29 -25.48 -10.09 -8.40
C ALA A 29 -26.22 -9.89 -7.13
N GLY A 30 -27.04 -8.86 -7.12
CA GLY A 30 -27.87 -8.58 -5.98
C GLY A 30 -27.16 -7.83 -4.86
N TYR A 31 -25.85 -7.57 -4.99
CA TYR A 31 -25.18 -6.84 -3.91
C TYR A 31 -25.56 -5.38 -3.95
N GLU A 32 -26.08 -4.86 -2.86
CA GLU A 32 -26.51 -3.47 -2.81
C GLU A 32 -25.48 -2.64 -2.07
N VAL A 33 -24.70 -1.86 -2.80
CA VAL A 33 -23.68 -1.02 -2.18
C VAL A 33 -24.30 0.14 -1.43
N LYS A 34 -23.72 0.48 -0.29
CA LYS A 34 -24.25 1.60 0.45
C LYS A 34 -23.17 2.49 1.02
N GLU A 35 -23.57 3.68 1.47
CA GLU A 35 -22.66 4.60 2.12
C GLU A 35 -22.40 3.97 3.47
N GLY A 36 -21.19 4.11 3.95
CA GLY A 36 -20.82 3.54 5.23
C GLY A 36 -20.37 2.09 5.11
N LEU A 37 -20.68 1.29 6.14
CA LEU A 37 -20.27 -0.08 6.17
C LEU A 37 -21.02 -1.03 5.23
N ASN A 38 -20.26 -1.82 4.45
CA ASN A 38 -20.81 -2.85 3.52
C ASN A 38 -20.25 -4.16 4.01
N VAL A 39 -21.09 -5.16 4.22
CA VAL A 39 -20.63 -6.44 4.71
C VAL A 39 -21.08 -7.55 3.78
N ASP A 40 -20.59 -8.75 4.03
CA ASP A 40 -20.94 -9.93 3.27
C ASP A 40 -20.73 -9.80 1.77
N PHE A 41 -19.68 -9.07 1.38
CA PHE A 41 -19.40 -8.91 -0.04
C PHE A 41 -18.68 -10.20 -0.44
N PRO A 42 -19.26 -10.95 -1.38
CA PRO A 42 -18.67 -12.22 -1.80
C PRO A 42 -17.49 -12.09 -2.73
N HIS A 43 -16.37 -12.70 -2.36
CA HIS A 43 -15.20 -12.71 -3.21
C HIS A 43 -14.31 -13.93 -2.94
N LYS A 44 -14.11 -14.76 -3.96
CA LYS A 44 -13.26 -15.94 -3.87
C LYS A 44 -13.54 -16.79 -2.64
N GLY A 45 -14.82 -17.03 -2.40
CA GLY A 45 -15.23 -17.85 -1.30
C GLY A 45 -15.22 -17.21 0.07
N MET A 46 -14.77 -15.96 0.14
CA MET A 46 -14.76 -15.26 1.41
C MET A 46 -15.90 -14.22 1.40
N LYS A 47 -16.24 -13.74 2.59
CA LYS A 47 -17.26 -12.69 2.80
C LYS A 47 -16.45 -11.53 3.36
N ARG A 48 -16.41 -10.44 2.59
CA ARG A 48 -15.60 -9.29 2.95
C ARG A 48 -16.41 -8.08 3.28
N ALA A 49 -15.77 -7.10 3.93
CA ALA A 49 -16.44 -5.85 4.28
C ALA A 49 -15.57 -4.68 3.93
N PHE A 50 -16.23 -3.54 3.73
CA PHE A 50 -15.53 -2.31 3.41
C PHE A 50 -16.41 -1.12 3.74
N ILE A 51 -15.79 0.04 3.92
CA ILE A 51 -16.55 1.22 4.29
C ILE A 51 -16.42 2.30 3.24
N VAL A 52 -17.55 2.92 2.86
CA VAL A 52 -17.53 3.92 1.81
C VAL A 52 -17.89 5.31 2.31
N TYR A 53 -17.02 6.29 2.01
CA TYR A 53 -17.34 7.69 2.32
C TYR A 53 -17.35 8.41 0.98
N PRO A 54 -18.54 8.78 0.47
CA PRO A 54 -18.55 9.47 -0.83
C PRO A 54 -17.92 10.85 -0.79
N ALA A 55 -17.30 11.23 -1.91
CA ALA A 55 -16.63 12.54 -1.98
C ALA A 55 -17.56 13.68 -1.75
N LYS A 56 -17.05 14.74 -1.12
CA LYS A 56 -17.80 15.96 -0.83
C LYS A 56 -17.33 17.09 -1.73
N ASN A 57 -18.26 17.94 -2.11
CA ASN A 57 -18.00 19.11 -2.97
C ASN A 57 -17.51 18.78 -4.36
N VAL A 58 -17.91 17.63 -4.87
CA VAL A 58 -17.48 17.21 -6.19
C VAL A 58 -18.62 16.96 -7.14
N SER A 59 -18.54 17.49 -8.35
CA SER A 59 -19.59 17.22 -9.32
C SER A 59 -18.92 16.33 -10.36
N GLY A 60 -19.58 15.26 -10.75
CA GLY A 60 -19.01 14.35 -11.74
C GLY A 60 -18.15 13.26 -11.10
N PRO A 61 -17.41 12.46 -11.89
CA PRO A 61 -16.57 11.39 -11.34
C PRO A 61 -15.54 11.86 -10.33
N ALA A 62 -15.47 11.17 -9.22
CA ALA A 62 -14.55 11.58 -8.16
C ALA A 62 -13.34 10.67 -8.12
N PRO A 63 -12.19 11.22 -7.73
CA PRO A 63 -10.99 10.40 -7.62
C PRO A 63 -11.25 9.52 -6.40
N VAL A 64 -10.56 8.39 -6.33
CA VAL A 64 -10.76 7.39 -5.30
C VAL A 64 -9.57 7.16 -4.46
N TRP A 65 -9.81 6.99 -3.16
CA TRP A 65 -8.75 6.69 -2.21
C TRP A 65 -9.15 5.41 -1.47
N VAL A 66 -8.28 4.40 -1.51
CA VAL A 66 -8.50 3.10 -0.84
C VAL A 66 -7.40 2.97 0.21
N PRO A 67 -7.70 3.44 1.42
CA PRO A 67 -6.70 3.37 2.49
C PRO A 67 -6.74 2.06 3.25
N MET A 68 -5.57 1.60 3.63
CA MET A 68 -5.46 0.32 4.36
C MET A 68 -4.69 0.48 5.66
N THR A 69 -5.25 -0.08 6.74
CA THR A 69 -4.55 -0.03 8.02
C THR A 69 -3.41 -1.04 7.98
N GLY A 70 -2.69 -1.12 9.09
CA GLY A 70 -1.55 -2.04 9.25
C GLY A 70 -1.83 -3.26 10.11
N SER A 71 -0.91 -3.60 10.99
CA SER A 71 -1.04 -4.83 11.80
C SER A 71 -1.85 -4.69 13.05
N VAL A 72 -1.78 -3.51 13.69
CA VAL A 72 -2.49 -3.30 14.96
C VAL A 72 -3.64 -2.32 14.93
N GLU A 73 -3.57 -1.25 14.13
CA GLU A 73 -4.71 -0.31 14.09
C GLU A 73 -5.90 -0.90 13.39
N SER A 74 -7.08 -0.60 13.90
CA SER A 74 -8.29 -1.10 13.23
C SER A 74 -8.56 -0.29 11.98
N THR A 75 -9.44 -0.81 11.13
CA THR A 75 -9.82 0.00 9.94
C THR A 75 -10.48 1.32 10.44
N ASN A 76 -11.32 1.24 11.49
CA ASN A 76 -11.92 2.45 12.02
C ASN A 76 -10.85 3.42 12.54
N ASP A 77 -9.79 2.90 13.18
CA ASP A 77 -8.73 3.80 13.62
C ASP A 77 -8.12 4.52 12.41
N ASN A 78 -7.76 3.74 11.41
CA ASN A 78 -7.14 4.27 10.21
C ASN A 78 -8.02 5.31 9.53
N LEU A 79 -9.33 5.12 9.63
CA LEU A 79 -10.28 6.07 9.03
C LEU A 79 -10.68 7.28 9.87
N THR A 80 -10.66 7.14 11.20
CA THR A 80 -11.21 8.23 12.04
C THR A 80 -10.36 8.77 13.17
N VAL A 81 -9.27 8.11 13.50
CA VAL A 81 -8.44 8.58 14.61
C VAL A 81 -7.28 9.38 14.04
N ALA A 82 -7.12 10.63 14.48
CA ALA A 82 -6.07 11.49 13.93
C ALA A 82 -4.68 10.91 13.91
N ARG A 83 -4.25 10.29 15.01
CA ARG A 83 -2.91 9.73 15.05
C ARG A 83 -2.72 8.53 14.12
N SER A 84 -3.83 8.00 13.62
CA SER A 84 -3.78 6.85 12.69
C SER A 84 -4.02 7.27 11.25
N GLY A 85 -4.16 8.57 11.05
CA GLY A 85 -4.37 9.08 9.70
C GLY A 85 -5.72 9.69 9.39
N ALA A 86 -6.73 9.34 10.18
CA ALA A 86 -8.11 9.83 9.94
C ALA A 86 -8.38 9.93 8.44
N ASN A 87 -8.23 8.80 7.76
CA ASN A 87 -8.32 8.77 6.32
C ASN A 87 -9.71 9.06 5.73
N SER A 88 -10.77 8.91 6.54
CA SER A 88 -12.08 9.20 6.01
C SER A 88 -12.23 10.70 5.72
N ILE A 89 -11.36 11.52 6.31
CA ILE A 89 -11.45 12.96 6.10
C ILE A 89 -11.09 13.32 4.66
N LEU A 90 -10.44 12.43 3.92
CA LEU A 90 -10.18 12.75 2.50
C LEU A 90 -11.49 12.87 1.73
N ALA A 91 -12.58 12.34 2.27
CA ALA A 91 -13.86 12.55 1.55
C ALA A 91 -14.23 14.05 1.58
N ASP A 92 -13.88 14.71 2.67
CA ASP A 92 -14.14 16.14 2.83
C ASP A 92 -13.21 16.90 1.87
N HIS A 93 -12.24 16.17 1.30
CA HIS A 93 -11.27 16.76 0.36
C HIS A 93 -11.59 16.46 -1.09
N GLY A 94 -12.73 15.83 -1.33
CA GLY A 94 -13.16 15.51 -2.69
C GLY A 94 -12.79 14.14 -3.23
N TYR A 95 -12.54 13.17 -2.33
CA TYR A 95 -12.22 11.83 -2.79
C TYR A 95 -13.26 10.89 -2.27
N THR A 96 -13.63 9.88 -3.06
CA THR A 96 -14.54 8.85 -2.54
C THR A 96 -13.61 7.82 -1.92
N VAL A 97 -13.76 7.67 -0.61
CA VAL A 97 -12.89 6.79 0.18
C VAL A 97 -13.57 5.42 0.27
N ILE A 98 -12.86 4.37 -0.09
CA ILE A 98 -13.43 3.02 -0.09
C ILE A 98 -12.37 2.21 0.67
N ALA A 99 -12.69 1.89 1.93
CA ALA A 99 -11.69 1.31 2.84
C ALA A 99 -12.00 -0.12 3.14
N PRO A 100 -11.11 -1.06 2.75
CA PRO A 100 -11.36 -2.48 3.03
C PRO A 100 -11.03 -2.89 4.42
N VAL A 101 -11.81 -3.83 4.96
CA VAL A 101 -11.55 -4.43 6.29
C VAL A 101 -10.68 -5.65 6.01
N ARG A 102 -9.71 -5.90 6.89
CA ARG A 102 -8.79 -7.06 6.72
C ARG A 102 -9.55 -8.36 6.88
N ALA A 103 -9.18 -9.36 6.10
CA ALA A 103 -9.87 -10.64 6.18
C ALA A 103 -9.83 -11.24 7.60
N CYS A 104 -8.66 -11.12 8.22
CA CYS A 104 -8.46 -11.65 9.57
C CYS A 104 -9.39 -11.02 10.61
N ALA A 105 -9.96 -9.84 10.32
CA ALA A 105 -10.84 -9.16 11.28
C ALA A 105 -12.27 -9.68 11.20
N ASN A 106 -12.51 -10.62 10.31
CA ASN A 106 -13.86 -11.22 10.20
C ASN A 106 -14.96 -10.19 10.10
N GLN A 107 -14.71 -9.23 9.22
CA GLN A 107 -15.60 -8.14 8.85
C GLN A 107 -15.85 -7.08 9.89
N ASP A 108 -15.10 -7.13 10.99
CA ASP A 108 -15.29 -6.17 12.07
C ASP A 108 -14.28 -5.04 11.89
N PRO A 109 -14.74 -3.83 11.50
CA PRO A 109 -13.82 -2.71 11.31
C PRO A 109 -13.16 -2.18 12.57
N ASN A 110 -13.54 -2.74 13.73
CA ASN A 110 -12.95 -2.28 14.99
C ASN A 110 -11.87 -3.20 15.49
N ILE A 111 -11.75 -4.40 14.91
CA ILE A 111 -10.68 -5.30 15.33
C ILE A 111 -9.35 -4.58 15.14
N ARG A 112 -8.46 -4.70 16.13
CA ARG A 112 -7.15 -4.08 16.08
C ARG A 112 -6.11 -5.17 15.78
N GLY A 113 -5.37 -5.65 16.78
CA GLY A 113 -4.39 -6.69 16.47
C GLY A 113 -4.93 -8.10 16.71
N GLU A 114 -6.12 -8.25 17.28
CA GLU A 114 -6.65 -9.58 17.61
C GLU A 114 -6.80 -10.46 16.40
N ARG A 115 -6.06 -11.57 16.40
CA ARG A 115 -6.07 -12.55 15.30
C ARG A 115 -5.65 -12.00 13.94
N CYS A 116 -5.02 -10.82 13.94
CA CYS A 116 -4.51 -10.20 12.73
C CYS A 116 -3.04 -9.93 12.81
N ASN A 117 -2.55 -9.52 13.99
CA ASN A 117 -1.15 -9.11 14.16
C ASN A 117 -0.26 -10.28 14.43
N GLY A 118 0.15 -10.94 13.37
CA GLY A 118 1.00 -12.10 13.51
C GLY A 118 1.24 -12.75 12.15
N PRO A 119 2.04 -13.81 12.13
CA PRO A 119 2.38 -14.54 10.90
C PRO A 119 1.16 -15.01 10.13
N GLY A 120 1.28 -15.08 8.81
CA GLY A 120 0.17 -15.52 8.00
C GLY A 120 0.10 -17.03 7.91
N SER A 121 -0.92 -17.51 7.23
CA SER A 121 -1.11 -18.95 7.04
C SER A 121 -1.41 -19.19 5.54
N ASN A 122 -1.45 -20.46 5.13
CA ASN A 122 -1.77 -20.77 3.75
C ASN A 122 -0.82 -20.22 2.71
N GLY A 123 0.44 -20.05 3.11
CA GLY A 123 1.45 -19.60 2.17
C GLY A 123 1.69 -18.11 2.22
N TRP A 124 0.93 -17.43 3.06
CA TRP A 124 1.09 -15.98 3.22
C TRP A 124 2.04 -15.66 4.34
N ASN A 125 2.80 -14.58 4.14
CA ASN A 125 3.78 -14.21 5.12
C ASN A 125 3.27 -13.60 6.43
N TRP A 126 2.28 -12.70 6.31
CA TRP A 126 1.85 -11.91 7.44
C TRP A 126 0.31 -11.84 7.35
N ASN A 127 -0.36 -12.04 8.48
CA ASN A 127 -1.82 -12.15 8.49
C ASN A 127 -2.75 -10.97 8.23
N PRO A 128 -2.31 -9.71 8.44
CA PRO A 128 -3.20 -8.57 8.21
C PRO A 128 -3.80 -8.48 6.80
N TRP A 129 -2.96 -8.75 5.80
CA TRP A 129 -3.38 -8.70 4.40
C TRP A 129 -2.66 -9.82 3.66
N PHE A 130 -3.16 -10.22 2.49
CA PHE A 130 -2.47 -11.24 1.70
C PHE A 130 -1.48 -10.41 0.88
N GLU A 131 -0.36 -10.07 1.52
CA GLU A 131 0.58 -9.11 0.95
C GLU A 131 1.98 -9.62 0.61
N GLY A 132 2.24 -10.90 0.82
CA GLY A 132 3.55 -11.40 0.47
C GLY A 132 3.59 -12.91 0.66
N ARG A 133 4.33 -13.59 -0.19
CA ARG A 133 4.46 -15.05 -0.01
C ARG A 133 5.37 -15.37 1.16
N ALA A 134 5.06 -16.44 1.87
CA ALA A 134 5.82 -16.87 3.03
C ALA A 134 7.21 -17.34 2.58
N ALA A 135 8.12 -17.43 3.55
CA ALA A 135 9.50 -17.79 3.27
C ALA A 135 9.68 -19.28 3.04
N ASP A 136 8.73 -20.09 3.46
CA ASP A 136 8.84 -21.54 3.25
C ASP A 136 8.14 -21.94 1.96
N PRO A 137 8.32 -23.19 1.51
CA PRO A 137 7.69 -23.59 0.27
C PRO A 137 6.18 -23.48 0.12
N SER A 138 5.44 -23.31 1.22
CA SER A 138 4.00 -23.17 1.05
C SER A 138 3.68 -21.86 0.32
N GLY A 139 4.67 -20.96 0.26
CA GLY A 139 4.42 -19.68 -0.44
C GLY A 139 4.62 -19.73 -1.94
N GLU A 140 5.13 -20.85 -2.43
CA GLU A 140 5.42 -20.96 -3.86
C GLU A 140 4.30 -20.51 -4.79
N HIS A 141 3.09 -20.94 -4.48
CA HIS A 141 1.97 -20.63 -5.36
C HIS A 141 1.71 -19.15 -5.50
N TRP A 142 2.05 -18.39 -4.47
CA TRP A 142 1.79 -16.94 -4.56
C TRP A 142 2.85 -16.18 -5.35
N LYS A 143 3.81 -16.89 -5.92
CA LYS A 143 4.81 -16.23 -6.78
C LYS A 143 4.12 -15.60 -7.97
N ASN A 144 3.04 -16.19 -8.45
CA ASN A 144 2.46 -15.51 -9.59
C ASN A 144 0.94 -15.47 -9.58
N ASP A 145 0.39 -15.39 -8.37
CA ASP A 145 -1.05 -15.26 -8.17
C ASP A 145 -1.18 -14.10 -7.19
N GLU A 146 -1.90 -13.04 -7.60
CA GLU A 146 -2.01 -11.84 -6.78
C GLU A 146 -2.56 -12.08 -5.39
N GLY A 147 -3.36 -13.13 -5.23
CA GLY A 147 -3.96 -13.35 -3.92
C GLY A 147 -5.34 -12.72 -3.81
N PRO A 148 -6.10 -13.13 -2.79
CA PRO A 148 -7.46 -12.64 -2.59
C PRO A 148 -7.68 -11.22 -2.14
N ASP A 149 -6.68 -10.55 -1.59
CA ASP A 149 -6.92 -9.17 -1.25
C ASP A 149 -6.78 -8.29 -2.48
N SER A 150 -5.71 -8.51 -3.25
CA SER A 150 -5.54 -7.71 -4.46
C SER A 150 -6.76 -7.82 -5.38
N SER A 151 -7.29 -9.04 -5.60
CA SER A 151 -8.46 -9.14 -6.48
C SER A 151 -9.73 -8.59 -5.82
N PHE A 152 -9.81 -8.71 -4.49
CA PHE A 152 -11.00 -8.20 -3.78
C PHE A 152 -11.07 -6.70 -3.96
N PHE A 153 -9.95 -6.03 -3.84
CA PHE A 153 -9.99 -4.56 -3.91
C PHE A 153 -10.50 -4.06 -5.27
N VAL A 154 -10.12 -4.76 -6.32
CA VAL A 154 -10.58 -4.41 -7.67
C VAL A 154 -12.08 -4.62 -7.74
N ALA A 155 -12.56 -5.77 -7.27
CA ALA A 155 -14.01 -6.04 -7.29
C ALA A 155 -14.80 -5.02 -6.45
N MET A 156 -14.21 -4.66 -5.33
CA MET A 156 -14.77 -3.67 -4.41
C MET A 156 -14.97 -2.34 -5.09
N VAL A 157 -13.89 -1.85 -5.71
CA VAL A 157 -14.01 -0.53 -6.35
C VAL A 157 -14.94 -0.63 -7.55
N GLN A 158 -14.88 -1.73 -8.30
CA GLN A 158 -15.78 -1.83 -9.46
C GLN A 158 -17.26 -1.83 -9.06
N CYS A 159 -17.56 -2.40 -7.90
CA CYS A 159 -18.93 -2.44 -7.41
C CYS A 159 -19.37 -1.06 -6.87
N VAL A 160 -18.50 -0.38 -6.10
CA VAL A 160 -18.87 0.92 -5.58
C VAL A 160 -19.17 1.87 -6.74
N GLY A 161 -18.44 1.70 -7.85
CA GLY A 161 -18.57 2.55 -9.02
C GLY A 161 -19.91 2.40 -9.72
N THR A 162 -20.72 1.41 -9.32
CA THR A 162 -22.07 1.33 -9.90
C THR A 162 -23.00 2.28 -9.13
N LYS A 163 -22.63 2.72 -7.93
CA LYS A 163 -23.48 3.58 -7.11
C LYS A 163 -23.00 5.02 -7.03
N TYR A 164 -21.69 5.18 -7.10
CA TYR A 164 -21.10 6.52 -7.02
C TYR A 164 -20.24 6.72 -8.25
N LYS A 165 -20.16 7.95 -8.77
CA LYS A 165 -19.37 8.25 -9.97
C LYS A 165 -17.89 8.31 -9.62
N LEU A 166 -17.14 7.36 -10.13
CA LEU A 166 -15.70 7.26 -9.84
C LEU A 166 -14.89 7.54 -11.08
N ASP A 167 -13.81 8.28 -10.88
CA ASP A 167 -12.88 8.59 -12.00
C ASP A 167 -11.94 7.40 -12.23
N ALA A 168 -12.15 6.66 -13.30
CA ALA A 168 -11.36 5.47 -13.61
C ALA A 168 -9.88 5.72 -13.86
N ARG A 169 -9.52 6.99 -14.04
CA ARG A 169 -8.11 7.34 -14.25
C ARG A 169 -7.47 7.82 -12.94
N ARG A 170 -8.23 7.78 -11.86
CA ARG A 170 -7.71 8.25 -10.58
C ARG A 170 -8.10 7.33 -9.43
N LEU A 171 -7.84 6.04 -9.61
CA LEU A 171 -8.13 5.04 -8.57
C LEU A 171 -6.80 4.81 -7.82
N PHE A 172 -6.70 5.27 -6.56
CA PHE A 172 -5.45 5.18 -5.78
C PHE A 172 -5.64 4.37 -4.52
N LEU A 173 -4.63 3.58 -4.16
CA LEU A 173 -4.74 2.86 -2.89
C LEU A 173 -3.45 3.09 -2.12
N GLY A 174 -3.48 2.85 -0.82
CA GLY A 174 -2.27 3.08 -0.06
C GLY A 174 -2.47 2.68 1.36
N GLY A 175 -1.42 2.70 2.16
CA GLY A 175 -1.65 2.27 3.53
C GLY A 175 -0.34 2.28 4.28
N ILE A 176 -0.44 1.94 5.56
CA ILE A 176 0.72 1.93 6.45
C ILE A 176 1.16 0.55 6.86
N ALA A 177 2.48 0.33 6.87
CA ALA A 177 3.04 -0.92 7.39
C ALA A 177 2.54 -2.09 6.59
N SER A 178 1.89 -3.08 7.18
CA SER A 178 1.40 -4.21 6.36
C SER A 178 0.48 -3.68 5.26
N GLY A 179 -0.24 -2.61 5.54
CA GLY A 179 -1.06 -1.97 4.49
C GLY A 179 -0.22 -1.35 3.38
N GLY A 180 0.99 -0.92 3.73
CA GLY A 180 1.94 -0.40 2.75
C GLY A 180 2.47 -1.56 1.94
N THR A 181 2.71 -2.71 2.59
CA THR A 181 3.17 -3.87 1.86
C THR A 181 2.11 -4.30 0.91
N MET A 182 0.87 -4.28 1.37
CA MET A 182 -0.22 -4.66 0.46
C MET A 182 -0.32 -3.70 -0.71
N THR A 183 -0.04 -2.42 -0.48
CA THR A 183 -0.11 -1.44 -1.58
C THR A 183 0.95 -1.83 -2.62
N ASN A 184 2.16 -2.13 -2.15
CA ASN A 184 3.18 -2.53 -3.09
C ASN A 184 2.72 -3.76 -3.92
N ARG A 185 2.16 -4.78 -3.24
CA ARG A 185 1.73 -5.96 -3.96
C ARG A 185 0.66 -5.64 -4.99
N ALA A 186 -0.30 -4.82 -4.60
CA ALA A 186 -1.39 -4.50 -5.49
C ALA A 186 -0.92 -3.72 -6.72
N LEU A 187 0.03 -2.82 -6.52
CA LEU A 187 0.57 -2.05 -7.64
C LEU A 187 1.32 -2.94 -8.62
N LEU A 188 1.97 -3.98 -8.10
CA LEU A 188 2.75 -4.86 -8.96
C LEU A 188 1.91 -5.85 -9.71
N PHE A 189 0.77 -6.25 -9.12
CA PHE A 189 -0.11 -7.22 -9.78
C PHE A 189 -1.28 -6.59 -10.54
N ARG A 190 -1.64 -5.35 -10.19
CA ARG A 190 -2.78 -4.72 -10.85
C ARG A 190 -2.43 -3.33 -11.38
N SER A 191 -1.27 -3.25 -12.05
CA SER A 191 -0.82 -1.96 -12.56
C SER A 191 -1.61 -1.48 -13.76
N ASN A 192 -2.57 -2.28 -14.23
CA ASN A 192 -3.40 -1.84 -15.34
C ASN A 192 -4.78 -1.43 -14.82
N PHE A 193 -4.93 -1.41 -13.50
CA PHE A 193 -6.19 -0.99 -12.90
C PHE A 193 -5.98 0.30 -12.11
N TRP A 194 -5.18 0.22 -11.04
CA TRP A 194 -4.92 1.38 -10.20
C TRP A 194 -4.17 2.43 -10.97
N ALA A 195 -4.40 3.70 -10.61
CA ALA A 195 -3.62 4.78 -11.23
C ALA A 195 -2.34 5.03 -10.44
N GLY A 196 -2.27 4.51 -9.23
CA GLY A 196 -1.08 4.74 -8.43
C GLY A 196 -1.35 4.40 -6.98
N GLY A 197 -0.39 4.69 -6.11
CA GLY A 197 -0.59 4.34 -4.72
C GLY A 197 0.42 4.99 -3.81
N LEU A 198 0.16 4.81 -2.54
CA LEU A 198 0.93 5.42 -1.48
C LEU A 198 1.38 4.39 -0.44
N PRO A 199 2.45 3.63 -0.76
CA PRO A 199 2.93 2.63 0.19
C PRO A 199 3.80 3.32 1.26
N ILE A 200 3.24 3.46 2.46
CA ILE A 200 3.95 4.11 3.56
C ILE A 200 4.55 3.01 4.44
N SER A 201 5.88 2.99 4.49
CA SER A 201 6.62 2.02 5.30
C SER A 201 6.12 0.60 5.11
N GLY A 202 6.08 0.21 3.85
CA GLY A 202 5.71 -1.15 3.48
C GLY A 202 6.94 -2.00 3.27
N GLU A 203 6.77 -3.30 3.38
CA GLU A 203 7.88 -4.22 3.11
C GLU A 203 7.92 -4.54 1.60
N TRP A 204 9.09 -5.07 1.22
CA TRP A 204 9.36 -5.60 -0.11
C TRP A 204 9.70 -7.09 0.04
N TYR A 205 10.16 -7.49 1.22
CA TYR A 205 10.59 -8.88 1.51
C TYR A 205 11.63 -9.29 0.49
N VAL A 206 12.71 -8.52 0.47
CA VAL A 206 13.79 -8.74 -0.51
C VAL A 206 14.28 -10.21 -0.55
N THR A 207 14.47 -10.70 -1.77
CA THR A 207 14.97 -12.06 -1.93
C THR A 207 16.19 -11.99 -2.82
N SER A 208 16.83 -13.14 -3.06
CA SER A 208 17.94 -13.16 -4.01
C SER A 208 17.33 -13.08 -5.42
N ASP A 209 18.17 -12.84 -6.44
CA ASP A 209 17.62 -12.76 -7.80
C ASP A 209 16.90 -14.05 -8.22
N ASP A 210 17.32 -15.18 -7.67
CA ASP A 210 16.69 -16.45 -8.03
C ASP A 210 15.40 -16.74 -7.26
N GLY A 211 14.96 -15.76 -6.48
CA GLY A 211 13.73 -15.93 -5.74
C GLY A 211 13.87 -16.52 -4.36
N THR A 212 15.07 -17.00 -4.00
CA THR A 212 15.25 -17.60 -2.68
C THR A 212 14.92 -16.66 -1.54
N PRO A 213 13.99 -17.06 -0.64
CA PRO A 213 13.70 -16.16 0.48
C PRO A 213 14.93 -15.92 1.36
N LEU A 214 15.06 -14.67 1.79
CA LEU A 214 16.16 -14.29 2.68
C LEU A 214 15.57 -13.92 4.02
N SER A 215 16.31 -14.23 5.07
CA SER A 215 15.91 -13.85 6.40
C SER A 215 15.92 -12.32 6.48
N PHE A 216 15.29 -11.81 7.54
CA PHE A 216 15.27 -10.37 7.77
C PHE A 216 16.71 -9.83 7.69
N ASP A 217 17.62 -10.43 8.46
CA ASP A 217 19.02 -9.95 8.43
C ASP A 217 19.65 -10.03 7.07
N ASP A 218 19.46 -11.14 6.34
CA ASP A 218 20.13 -11.24 5.05
C ASP A 218 19.51 -10.29 4.00
N ALA A 219 18.19 -10.09 4.10
CA ALA A 219 17.51 -9.18 3.18
C ALA A 219 18.00 -7.76 3.43
N ARG A 220 18.17 -7.44 4.71
CA ARG A 220 18.64 -6.10 5.06
C ARG A 220 20.04 -5.88 4.49
N ALA A 221 20.90 -6.90 4.61
CA ALA A 221 22.26 -6.75 4.09
C ALA A 221 22.35 -6.72 2.59
N ALA A 222 21.42 -7.41 1.91
CA ALA A 222 21.46 -7.44 0.47
C ALA A 222 21.26 -6.06 -0.13
N VAL A 223 20.33 -5.29 0.44
CA VAL A 223 20.11 -3.95 -0.09
C VAL A 223 21.27 -3.02 0.31
N ALA A 224 21.78 -3.17 1.53
CA ALA A 224 22.91 -2.33 1.94
C ALA A 224 24.10 -2.56 1.01
N ALA A 225 24.26 -3.80 0.53
CA ALA A 225 25.35 -4.13 -0.37
C ALA A 225 25.16 -3.67 -1.82
N ALA A 226 23.90 -3.43 -2.24
CA ALA A 226 23.60 -3.00 -3.62
C ALA A 226 22.38 -2.10 -3.50
N PRO A 227 22.60 -0.91 -2.92
CA PRO A 227 21.46 0.00 -2.74
C PRO A 227 20.77 0.61 -3.92
N THR A 228 21.36 0.57 -5.10
CA THR A 228 20.73 1.15 -6.28
C THR A 228 20.20 0.06 -7.20
N LYS A 229 20.30 -1.22 -6.81
CA LYS A 229 19.83 -2.21 -7.76
C LYS A 229 18.37 -2.55 -7.54
N ILE A 230 17.77 -3.10 -8.57
CA ILE A 230 16.39 -3.56 -8.45
C ILE A 230 16.49 -4.94 -7.80
N HIS A 231 15.87 -5.08 -6.65
CA HIS A 231 15.84 -6.30 -5.88
C HIS A 231 14.50 -6.99 -6.00
N GLN A 232 14.56 -8.31 -6.20
CA GLN A 232 13.36 -9.12 -6.23
C GLN A 232 12.79 -9.12 -4.81
N GLY A 233 11.51 -9.48 -4.68
CA GLY A 233 10.95 -9.53 -3.33
C GLY A 233 9.67 -10.35 -3.23
N ARG A 234 9.42 -10.95 -2.06
CA ARG A 234 8.23 -11.76 -1.84
C ARG A 234 6.94 -10.97 -1.85
N VAL A 235 7.05 -9.64 -1.80
CA VAL A 235 5.84 -8.83 -1.87
C VAL A 235 5.18 -8.92 -3.26
N GLY A 236 5.96 -9.29 -4.27
CA GLY A 236 5.40 -9.26 -5.63
C GLY A 236 5.54 -10.53 -6.42
N PRO A 237 5.30 -10.43 -7.71
CA PRO A 237 5.40 -11.59 -8.59
C PRO A 237 6.88 -12.00 -8.59
N TYR A 238 7.16 -13.26 -8.88
CA TYR A 238 8.56 -13.66 -9.08
C TYR A 238 8.73 -14.24 -10.50
N PRO A 239 9.55 -13.63 -11.36
CA PRO A 239 10.34 -12.41 -11.07
C PRO A 239 9.39 -11.23 -11.15
N LEU A 240 9.86 -10.07 -10.66
CA LEU A 240 9.04 -8.85 -10.75
C LEU A 240 8.80 -8.63 -12.24
N PRO A 241 7.70 -7.96 -12.59
CA PRO A 241 7.37 -7.70 -13.99
C PRO A 241 8.37 -6.79 -14.69
N ALA A 242 8.63 -7.08 -15.97
CA ALA A 242 9.56 -6.27 -16.75
C ALA A 242 8.98 -4.89 -16.99
N LYS A 243 7.68 -4.85 -17.14
CA LYS A 243 7.02 -3.58 -17.39
C LYS A 243 5.66 -3.53 -16.74
N VAL A 244 5.38 -2.45 -16.04
CA VAL A 244 4.07 -2.32 -15.44
C VAL A 244 3.30 -1.22 -16.16
N GLY A 245 1.99 -1.24 -15.99
CA GLY A 245 1.12 -0.23 -16.52
C GLY A 245 1.45 1.16 -15.94
N PRO A 246 0.84 2.21 -16.47
CA PRO A 246 1.11 3.57 -16.03
C PRO A 246 0.65 3.89 -14.61
N LEU A 247 1.57 4.43 -13.81
CA LEU A 247 1.25 4.68 -12.42
C LEU A 247 1.99 5.87 -11.89
N ILE A 248 1.47 6.39 -10.77
CA ILE A 248 2.29 7.31 -10.00
C ILE A 248 2.38 6.61 -8.62
N VAL A 249 3.58 6.43 -8.10
CA VAL A 249 3.76 5.77 -6.81
C VAL A 249 4.54 6.67 -5.89
N MET A 250 4.02 6.88 -4.69
CA MET A 250 4.70 7.72 -3.70
C MET A 250 5.05 6.82 -2.53
N THR A 251 6.35 6.56 -2.35
CA THR A 251 6.82 5.66 -1.26
C THR A 251 7.28 6.54 -0.10
N VAL A 252 6.88 6.20 1.11
CA VAL A 252 7.26 7.04 2.27
C VAL A 252 8.05 6.23 3.29
N TRP A 253 9.18 6.81 3.70
CA TRP A 253 10.04 6.21 4.74
C TRP A 253 9.98 7.16 5.96
N GLY A 254 9.86 6.59 7.15
CA GLY A 254 9.72 7.36 8.39
C GLY A 254 10.99 7.66 9.16
N GLY A 255 12.12 7.43 8.52
CA GLY A 255 13.39 7.75 9.14
C GLY A 255 14.02 6.65 9.94
N GLU A 256 15.02 7.05 10.72
CA GLU A 256 15.82 6.11 11.53
C GLU A 256 15.08 5.12 12.41
N LYS A 257 13.94 5.54 12.93
CA LYS A 257 13.16 4.69 13.80
C LYS A 257 12.06 3.94 13.05
N ASP A 258 12.05 4.03 11.72
CA ASP A 258 11.04 3.31 10.95
C ASP A 258 11.43 1.83 10.91
N LEU A 259 11.05 1.14 11.99
CA LEU A 259 11.38 -0.28 12.25
C LEU A 259 10.19 -0.96 12.87
N TRP A 260 10.11 -2.28 12.80
CA TRP A 260 9.00 -2.94 13.53
C TRP A 260 9.54 -4.09 14.36
N ASN A 261 9.08 -4.14 15.60
CA ASN A 261 9.47 -5.24 16.47
C ASN A 261 8.25 -6.12 16.60
N CYS A 262 8.45 -7.39 16.26
CA CYS A 262 7.45 -8.43 16.35
C CYS A 262 7.32 -8.87 17.81
N THR A 263 6.31 -9.68 18.08
CA THR A 263 6.06 -10.15 19.43
C THR A 263 5.93 -11.67 19.41
N ARG A 264 6.73 -12.32 20.22
CA ARG A 264 6.70 -13.76 20.33
C ARG A 264 5.48 -14.21 21.11
N PRO A 265 5.16 -15.51 21.06
CA PRO A 265 4.00 -15.96 21.81
C PRO A 265 4.12 -15.63 23.30
N ASP A 266 5.33 -15.54 23.82
CA ASP A 266 5.49 -15.25 25.24
C ASP A 266 5.52 -13.77 25.58
N GLY A 267 5.31 -12.93 24.56
CA GLY A 267 5.26 -11.49 24.81
C GLY A 267 6.53 -10.71 24.58
N SER A 268 7.67 -11.41 24.46
CA SER A 268 8.94 -10.75 24.23
C SER A 268 8.94 -10.15 22.85
N ARG A 269 9.78 -9.15 22.64
CA ARG A 269 9.84 -8.43 21.36
C ARG A 269 11.17 -8.65 20.64
N PHE A 270 11.14 -8.59 19.30
CA PHE A 270 12.39 -8.73 18.54
C PHE A 270 12.24 -7.99 17.20
N LEU A 271 13.34 -7.41 16.75
CA LEU A 271 13.31 -6.68 15.46
C LEU A 271 13.01 -7.60 14.29
N CYS A 272 11.96 -7.33 13.51
CA CYS A 272 11.66 -8.22 12.42
C CYS A 272 11.48 -7.48 11.10
N ALA A 273 11.56 -6.14 11.12
CA ALA A 273 11.48 -5.44 9.84
C ALA A 273 12.13 -4.07 9.92
N ASP A 274 12.82 -3.69 8.84
CA ASP A 274 13.48 -2.37 8.78
C ASP A 274 13.01 -1.78 7.48
N TYR A 275 12.36 -0.61 7.53
CA TYR A 275 11.78 -0.07 6.30
C TYR A 275 12.68 0.74 5.43
N ARG A 276 13.92 0.91 5.86
CA ARG A 276 14.89 1.62 5.04
C ARG A 276 15.17 0.77 3.76
N PRO A 277 15.51 -0.55 3.91
CA PRO A 277 15.77 -1.28 2.67
C PRO A 277 14.53 -1.49 1.81
N SER A 278 13.38 -1.63 2.44
CA SER A 278 12.20 -1.90 1.65
C SER A 278 11.65 -0.68 0.91
N THR A 279 11.72 0.49 1.52
CA THR A 279 11.27 1.67 0.79
C THR A 279 12.32 1.93 -0.32
N GLN A 280 13.61 1.73 -0.02
CA GLN A 280 14.62 1.92 -1.06
C GLN A 280 14.37 0.96 -2.23
N ALA A 281 14.16 -0.32 -1.94
CA ALA A 281 13.94 -1.29 -3.00
C ALA A 281 12.71 -0.95 -3.82
N GLY A 282 11.63 -0.61 -3.15
CA GLY A 282 10.45 -0.25 -3.93
C GLY A 282 10.75 0.96 -4.81
N SER A 283 11.47 1.96 -4.28
CA SER A 283 11.73 3.14 -5.10
C SER A 283 12.60 2.83 -6.27
N ASN A 284 13.50 1.86 -6.12
CA ASN A 284 14.38 1.51 -7.23
C ASN A 284 13.59 0.85 -8.36
N PHE A 285 12.67 -0.04 -7.99
CA PHE A 285 11.90 -0.71 -9.02
C PHE A 285 10.98 0.26 -9.74
N PHE A 286 10.24 1.07 -8.97
CA PHE A 286 9.27 1.93 -9.62
C PHE A 286 9.95 3.08 -10.37
N SER A 287 11.08 3.55 -9.86
CA SER A 287 11.77 4.63 -10.58
C SER A 287 12.28 4.14 -11.91
N ALA A 288 12.70 2.88 -11.99
CA ALA A 288 13.22 2.39 -13.27
C ALA A 288 12.13 2.19 -14.32
N GLN A 289 10.88 2.08 -13.90
CA GLN A 289 9.78 1.84 -14.87
C GLN A 289 9.51 3.10 -15.68
N PRO A 290 9.45 2.96 -17.02
CA PRO A 290 9.25 4.12 -17.88
C PRO A 290 7.93 4.84 -17.81
N ASP A 291 6.89 4.10 -17.48
CA ASP A 291 5.55 4.70 -17.40
C ASP A 291 5.12 4.94 -15.97
N VAL A 292 6.09 4.99 -15.05
CA VAL A 292 5.77 5.25 -13.65
C VAL A 292 6.49 6.46 -13.15
N VAL A 293 5.77 7.35 -12.49
CA VAL A 293 6.38 8.50 -11.84
C VAL A 293 6.53 8.02 -10.41
N HIS A 294 7.76 7.98 -9.90
CA HIS A 294 7.97 7.59 -8.51
C HIS A 294 8.42 8.77 -7.68
N VAL A 295 7.77 8.98 -6.53
CA VAL A 295 8.13 10.07 -5.68
C VAL A 295 8.60 9.44 -4.38
N ALA A 296 9.84 9.75 -3.97
CA ALA A 296 10.39 9.22 -2.73
C ALA A 296 10.26 10.28 -1.65
N CYS A 297 9.54 9.99 -0.58
CA CYS A 297 9.36 10.94 0.50
C CYS A 297 9.93 10.41 1.80
N SER A 298 10.63 11.27 2.53
CA SER A 298 11.19 10.91 3.83
C SER A 298 10.67 11.81 4.92
N SER A 299 10.40 11.21 6.08
CA SER A 299 9.99 11.98 7.25
C SER A 299 10.73 11.38 8.47
N THR A 300 10.34 11.81 9.67
CA THR A 300 11.05 11.37 10.88
C THR A 300 10.11 10.86 11.95
N HIS A 301 8.91 10.46 11.56
CA HIS A 301 7.94 10.05 12.54
C HIS A 301 8.01 8.58 12.96
N GLY A 302 8.89 7.81 12.31
CA GLY A 302 9.04 6.40 12.67
C GLY A 302 8.17 5.48 11.84
N HIS A 303 7.65 4.43 12.48
CA HIS A 303 6.81 3.45 11.82
C HIS A 303 5.36 3.59 12.27
N MET A 304 4.64 4.51 11.67
CA MET A 304 3.23 4.74 12.01
C MET A 304 2.72 5.72 10.96
N TRP A 305 1.44 6.00 10.95
CA TRP A 305 0.99 6.94 9.93
C TRP A 305 1.75 8.26 10.10
N PRO A 306 2.08 8.96 9.01
CA PRO A 306 2.79 10.26 9.09
C PRO A 306 2.17 11.09 10.22
N GLN A 307 3.02 11.57 11.14
CA GLN A 307 2.57 12.29 12.32
C GLN A 307 2.65 13.80 12.30
N LEU A 308 3.56 14.30 11.52
CA LEU A 308 3.76 15.77 11.44
C LEU A 308 2.81 16.30 10.39
N ASN A 309 1.95 17.22 10.80
CA ASN A 309 0.99 17.82 9.86
C ASN A 309 0.28 16.72 9.08
N THR A 310 -0.26 15.75 9.81
CA THR A 310 -0.89 14.59 9.22
C THR A 310 -1.90 14.86 8.13
N GLN A 311 -2.87 15.72 8.40
CA GLN A 311 -3.88 15.99 7.38
C GLN A 311 -3.33 16.80 6.23
N GLU A 312 -2.42 17.72 6.52
CA GLU A 312 -1.77 18.46 5.41
C GLU A 312 -1.06 17.45 4.52
N PHE A 313 -0.41 16.44 5.14
CA PHE A 313 0.27 15.44 4.33
C PHE A 313 -0.67 14.60 3.49
N ASN A 314 -1.77 14.15 4.10
CA ASN A 314 -2.71 13.34 3.35
C ASN A 314 -3.26 14.14 2.16
N ARG A 315 -3.57 15.41 2.38
CA ARG A 315 -4.13 16.22 1.29
C ARG A 315 -3.06 16.39 0.19
N TRP A 316 -1.86 16.76 0.60
CA TRP A 316 -0.77 16.95 -0.38
C TRP A 316 -0.48 15.66 -1.15
N ALA A 317 -0.38 14.56 -0.42
CA ALA A 317 -0.06 13.30 -1.08
C ALA A 317 -1.11 12.87 -2.05
N LEU A 318 -2.40 12.86 -1.63
CA LEU A 318 -3.44 12.44 -2.56
C LEU A 318 -3.60 13.40 -3.72
N ASP A 319 -3.51 14.71 -3.49
CA ASP A 319 -3.63 15.62 -4.61
C ASP A 319 -2.44 15.48 -5.55
N THR A 320 -1.26 15.12 -5.02
CA THR A 320 -0.08 14.91 -5.89
C THR A 320 -0.36 13.68 -6.76
N LEU A 321 -0.85 12.59 -6.14
CA LEU A 321 -1.21 11.43 -6.96
C LEU A 321 -2.25 11.80 -8.03
N ALA A 322 -3.28 12.55 -7.64
CA ALA A 322 -4.34 12.91 -8.58
C ALA A 322 -3.87 13.82 -9.72
N SER A 323 -2.75 14.47 -9.52
CA SER A 323 -2.20 15.33 -10.57
C SER A 323 -1.60 14.53 -11.71
N HIS A 324 -1.52 13.21 -11.52
CA HIS A 324 -0.98 12.34 -12.56
C HIS A 324 -2.00 11.24 -12.86
N PRO A 325 -3.11 11.58 -13.55
CA PRO A 325 -4.13 10.59 -13.86
C PRO A 325 -3.54 9.48 -14.76
N LYS A 326 -4.11 8.30 -14.68
CA LYS A 326 -3.59 7.16 -15.40
C LYS A 326 -3.42 7.40 -16.89
N GLY A 327 -2.20 7.16 -17.34
CA GLY A 327 -1.88 7.35 -18.76
C GLY A 327 -1.22 8.70 -19.06
N SER A 328 -1.08 9.53 -18.05
CA SER A 328 -0.40 10.84 -18.14
C SER A 328 1.07 10.64 -18.48
N ASP A 329 1.67 11.63 -19.16
CA ASP A 329 3.08 11.53 -19.52
C ASP A 329 3.94 11.85 -18.31
N PRO A 330 4.85 10.96 -17.91
CA PRO A 330 5.68 11.27 -16.74
C PRO A 330 6.41 12.58 -16.90
N ARG A 331 6.69 12.99 -18.13
CA ARG A 331 7.43 14.22 -18.35
C ARG A 331 6.66 15.46 -17.97
N SER A 332 5.34 15.31 -17.89
CA SER A 332 4.44 16.41 -17.58
C SER A 332 4.23 16.59 -16.08
N PHE A 333 4.66 15.61 -15.30
CA PHE A 333 4.48 15.72 -13.84
C PHE A 333 5.30 16.83 -13.21
N LYS A 334 4.68 17.56 -12.28
CA LYS A 334 5.36 18.65 -11.58
C LYS A 334 5.11 18.51 -10.08
N LEU A 335 6.16 18.17 -9.36
CA LEU A 335 6.05 18.00 -7.93
C LEU A 335 5.94 19.32 -7.23
N THR A 336 5.06 19.40 -6.23
CA THR A 336 4.96 20.65 -5.48
C THR A 336 5.56 20.37 -4.12
N GLN A 337 5.82 21.41 -3.34
CA GLN A 337 6.50 21.25 -2.04
C GLN A 337 5.60 20.56 -1.01
N PRO A 338 6.13 19.52 -0.34
CA PRO A 338 5.28 18.86 0.66
C PRO A 338 5.23 19.69 1.94
N PRO A 339 4.37 19.30 2.89
CA PRO A 339 4.24 20.02 4.16
C PRO A 339 5.56 19.97 4.92
N GLU A 340 5.68 20.88 5.87
CA GLU A 340 6.86 20.89 6.74
C GLU A 340 6.91 19.52 7.44
N GLY A 341 8.11 18.93 7.46
CA GLY A 341 8.30 17.62 8.07
C GLY A 341 8.57 16.50 7.09
N TYR A 342 8.52 16.83 5.80
CA TYR A 342 8.72 15.89 4.70
C TYR A 342 9.68 16.43 3.67
N THR A 343 10.49 15.52 3.12
CA THR A 343 11.42 15.89 2.06
C THR A 343 11.14 14.87 0.97
N CYS A 344 10.78 15.34 -0.22
CA CYS A 344 10.43 14.43 -1.30
C CYS A 344 11.03 14.87 -2.65
N HIS A 345 11.22 13.91 -3.55
CA HIS A 345 11.71 14.19 -4.90
C HIS A 345 11.33 13.05 -5.80
N VAL A 346 11.35 13.32 -7.11
CA VAL A 346 11.05 12.30 -8.06
C VAL A 346 12.28 11.43 -8.21
N GLY A 347 12.07 10.12 -8.22
CA GLY A 347 13.16 9.18 -8.39
C GLY A 347 13.30 8.24 -7.21
N PRO A 348 14.41 7.52 -7.16
CA PRO A 348 14.61 6.59 -6.04
C PRO A 348 15.07 7.35 -4.83
N PHE A 349 14.99 6.73 -3.66
CA PHE A 349 15.54 7.36 -2.47
C PHE A 349 17.05 7.51 -2.68
N THR A 350 17.57 8.59 -2.14
CA THR A 350 19.01 8.87 -2.24
C THR A 350 19.61 9.13 -0.87
N GLY A 351 18.81 9.41 0.14
CA GLY A 351 19.48 9.70 1.41
C GLY A 351 19.50 8.57 2.41
N LEU A 352 19.33 7.34 1.93
CA LEU A 352 19.25 6.20 2.86
C LEU A 352 20.49 5.37 2.96
N TYR A 353 21.27 5.37 1.87
CA TYR A 353 22.53 4.64 1.76
C TYR A 353 23.56 5.54 1.08
N ALA A 354 24.81 5.40 1.46
CA ALA A 354 25.90 6.17 0.88
C ALA A 354 26.01 5.86 -0.61
N SER A 355 26.30 6.87 -1.43
CA SER A 355 26.39 6.64 -2.87
C SER A 355 27.65 5.93 -3.35
N ALA A 356 27.57 5.34 -4.53
CA ALA A 356 28.69 4.63 -5.14
C ALA A 356 29.87 5.59 -5.30
N TRP A 357 29.61 6.72 -5.96
CA TRP A 357 30.63 7.72 -6.24
C TRP A 357 31.24 8.38 -4.99
N SER A 358 30.80 7.98 -3.81
CA SER A 358 31.39 8.55 -2.60
C SER A 358 32.51 7.64 -2.06
C1 CIT B . -2.11 19.51 13.12
O1 CIT B . -1.98 19.43 14.36
O2 CIT B . -1.17 19.55 12.30
C2 CIT B . -3.54 19.52 12.58
C3 CIT B . -3.62 19.69 11.06
O7 CIT B . -3.15 21.00 10.69
C4 CIT B . -5.11 19.67 10.73
C5 CIT B . -5.41 20.01 9.26
O3 CIT B . -4.60 20.77 8.68
O4 CIT B . -6.49 19.59 8.78
C6 CIT B . -2.95 18.56 10.29
O5 CIT B . -2.08 18.89 9.46
O6 CIT B . -3.21 17.39 10.68
C1 OCA C . 4.13 -4.10 10.19
C2 OCA C . 4.29 -5.53 9.67
C3 OCA C . 5.71 -6.05 9.83
C4 OCA C . 5.80 -7.42 9.17
C5 OCA C . 7.06 -8.17 9.60
C6 OCA C . 7.07 -9.56 8.98
C7 OCA C . 8.05 -10.44 9.76
C8 OCA C . 7.83 -11.90 9.35
O1 OCA C . 5.08 -3.32 9.97
O2 OCA C . 2.98 -3.76 10.54
#